data_1VYD
#
_entry.id   1VYD
#
_cell.length_a   100.230
_cell.length_b   100.230
_cell.length_c   162.150
_cell.angle_alpha   90.00
_cell.angle_beta   90.00
_cell.angle_gamma   120.00
#
_symmetry.space_group_name_H-M   'H 3 2'
#
loop_
_entity.id
_entity.type
_entity.pdbx_description
1 polymer 'CYTOCHROME C2'
2 non-polymer 'PROTOPORPHYRIN IX CONTAINING FE'
3 water water
#
_entity_poly.entity_id   1
_entity_poly.type   'polypeptide(L)'
_entity_poly.pdbx_seq_one_letter_code
;GDAAKGEKEFNKCKTCHSIIAPDGTEIVKGAKTGPNLYGVVGRTAGTYPEFKYKDSIVALGASGFAWTEEDIATYVKDPG
AFLKEKLDDKKAKTEMAFKLAKGGEDVAAYLASVVK
;
_entity_poly.pdbx_strand_id   A,B
#
# COMPACT_ATOMS: atom_id res chain seq x y z
N GLY A 1 -8.80 -26.62 -5.95
CA GLY A 1 -8.21 -27.09 -7.24
C GLY A 1 -7.10 -28.06 -6.80
N ASP A 2 -6.19 -28.42 -7.68
CA ASP A 2 -5.14 -29.35 -7.36
C ASP A 2 -3.79 -28.70 -7.13
N ALA A 3 -3.24 -28.77 -5.92
CA ALA A 3 -1.98 -28.21 -5.52
C ALA A 3 -0.78 -28.86 -6.17
N ALA A 4 -0.75 -30.19 -6.22
CA ALA A 4 0.41 -30.85 -6.84
C ALA A 4 0.53 -30.50 -8.32
N LYS A 5 -0.54 -30.40 -9.09
CA LYS A 5 -0.44 -30.02 -10.48
C LYS A 5 -0.10 -28.53 -10.64
N GLY A 6 -0.65 -27.70 -9.75
CA GLY A 6 -0.38 -26.28 -9.72
C GLY A 6 1.07 -26.01 -9.45
N GLU A 7 1.72 -26.86 -8.67
CA GLU A 7 3.18 -26.74 -8.47
C GLU A 7 3.95 -26.85 -9.79
N LYS A 8 3.50 -27.79 -10.64
CA LYS A 8 4.17 -27.95 -11.94
C LYS A 8 3.77 -26.81 -12.87
N GLU A 9 2.57 -26.23 -12.75
CA GLU A 9 2.11 -25.14 -13.59
C GLU A 9 2.79 -23.81 -13.22
N PHE A 10 3.33 -23.63 -12.01
CA PHE A 10 4.05 -22.45 -11.56
C PHE A 10 5.33 -22.18 -12.34
N ASN A 11 5.80 -23.09 -13.22
CA ASN A 11 6.85 -22.91 -14.17
C ASN A 11 6.44 -21.81 -15.15
N LYS A 12 5.18 -21.36 -15.32
CA LYS A 12 4.93 -20.13 -16.06
C LYS A 12 5.01 -18.87 -15.19
N CYS A 13 5.19 -19.02 -13.85
CA CYS A 13 5.11 -17.79 -13.03
C CYS A 13 6.48 -17.39 -12.61
N LYS A 14 7.33 -18.42 -12.54
CA LYS A 14 8.69 -18.27 -11.97
C LYS A 14 9.62 -17.40 -12.82
N THR A 15 9.25 -17.11 -14.04
CA THR A 15 10.05 -16.20 -14.87
C THR A 15 9.97 -14.79 -14.31
N CYS A 16 8.94 -14.42 -13.51
CA CYS A 16 8.92 -13.09 -12.92
C CYS A 16 8.77 -13.06 -11.41
N HIS A 17 8.22 -14.15 -10.85
CA HIS A 17 7.95 -14.29 -9.45
C HIS A 17 8.79 -15.31 -8.73
N SER A 18 8.98 -15.13 -7.45
CA SER A 18 9.50 -16.10 -6.50
C SER A 18 8.49 -16.38 -5.41
N ILE A 19 8.85 -17.38 -4.59
CA ILE A 19 8.01 -17.75 -3.44
C ILE A 19 8.99 -17.89 -2.24
N ILE A 20 9.13 -16.80 -1.49
CA ILE A 20 10.09 -16.75 -0.39
C ILE A 20 9.42 -16.58 0.97
N ALA A 21 9.67 -17.52 1.89
CA ALA A 21 9.11 -17.42 3.24
C ALA A 21 9.79 -16.29 3.99
N PRO A 22 9.13 -15.84 5.07
CA PRO A 22 9.61 -14.75 5.89
C PRO A 22 10.98 -15.02 6.53
N ASP A 23 11.38 -16.25 6.85
CA ASP A 23 12.75 -16.45 7.33
C ASP A 23 13.71 -16.49 6.15
N GLY A 24 13.31 -16.26 4.88
CA GLY A 24 14.33 -16.37 3.78
C GLY A 24 14.28 -17.70 3.07
N THR A 25 13.61 -18.74 3.52
CA THR A 25 13.60 -20.03 2.84
C THR A 25 13.02 -19.81 1.44
N GLU A 26 13.75 -20.24 0.43
CA GLU A 26 13.31 -20.04 -0.94
C GLU A 26 12.42 -21.19 -1.40
N ILE A 27 11.11 -21.10 -1.31
CA ILE A 27 10.37 -22.32 -1.77
C ILE A 27 10.47 -22.40 -3.28
N VAL A 28 10.35 -21.26 -4.00
CA VAL A 28 10.57 -21.30 -5.44
C VAL A 28 11.57 -20.11 -5.66
N LYS A 29 12.71 -20.47 -6.25
CA LYS A 29 13.68 -19.45 -6.58
C LYS A 29 13.30 -18.95 -7.97
N GLY A 30 12.76 -17.80 -8.19
CA GLY A 30 12.40 -17.35 -9.51
C GLY A 30 13.08 -15.98 -9.75
N ALA A 31 12.35 -15.16 -10.51
CA ALA A 31 12.89 -13.81 -10.75
C ALA A 31 12.29 -12.84 -9.72
N LYS A 32 12.67 -11.58 -9.83
CA LYS A 32 12.23 -10.54 -8.93
C LYS A 32 11.60 -9.42 -9.69
N THR A 33 10.98 -9.62 -10.85
CA THR A 33 10.37 -8.42 -11.47
C THR A 33 8.86 -8.39 -11.21
N GLY A 34 8.31 -9.45 -10.62
CA GLY A 34 6.99 -9.39 -9.98
C GLY A 34 7.27 -9.63 -8.46
N PRO A 35 6.28 -9.32 -7.63
CA PRO A 35 6.42 -9.49 -6.21
C PRO A 35 6.37 -10.94 -5.74
N ASN A 36 6.94 -11.05 -4.52
CA ASN A 36 6.90 -12.35 -3.82
C ASN A 36 5.48 -12.90 -3.78
N LEU A 37 5.20 -14.18 -4.03
CA LEU A 37 3.84 -14.69 -3.93
C LEU A 37 3.59 -15.61 -2.75
N TYR A 38 4.58 -15.76 -1.83
CA TYR A 38 4.36 -16.42 -0.56
C TYR A 38 3.32 -15.66 0.23
N GLY A 39 2.28 -16.26 0.77
CA GLY A 39 1.25 -15.60 1.52
C GLY A 39 0.37 -14.69 0.72
N VAL A 40 0.30 -14.83 -0.61
CA VAL A 40 -0.53 -13.87 -1.41
C VAL A 40 -1.98 -14.26 -1.28
N VAL A 41 -2.37 -15.48 -0.92
CA VAL A 41 -3.75 -15.83 -0.64
C VAL A 41 -4.22 -15.15 0.66
N GLY A 42 -5.17 -14.20 0.62
CA GLY A 42 -5.64 -13.55 1.81
C GLY A 42 -4.93 -12.23 1.98
N ARG A 43 -4.00 -11.86 1.08
CA ARG A 43 -3.30 -10.59 1.29
C ARG A 43 -3.91 -9.44 0.47
N THR A 44 -3.93 -8.22 1.00
CA THR A 44 -4.54 -7.10 0.28
C THR A 44 -3.78 -6.88 -1.05
N ALA A 45 -4.51 -6.71 -2.16
CA ALA A 45 -3.87 -6.48 -3.44
C ALA A 45 -2.95 -5.26 -3.44
N GLY A 46 -1.77 -5.51 -4.06
CA GLY A 46 -0.84 -4.32 -4.20
C GLY A 46 -0.36 -3.69 -2.95
N THR A 47 0.12 -4.52 -1.96
CA THR A 47 0.68 -3.90 -0.71
C THR A 47 2.00 -4.55 -0.32
N TYR A 48 2.46 -5.59 -1.00
CA TYR A 48 3.75 -6.21 -0.67
C TYR A 48 4.85 -5.14 -0.63
N PRO A 49 5.54 -5.02 0.50
CA PRO A 49 6.56 -4.02 0.72
C PRO A 49 7.71 -4.01 -0.32
N GLU A 50 8.20 -2.81 -0.61
CA GLU A 50 9.31 -2.49 -1.47
C GLU A 50 9.15 -2.95 -2.92
N PHE A 51 7.96 -2.94 -3.47
CA PHE A 51 7.62 -3.30 -4.84
C PHE A 51 6.80 -2.16 -5.43
N LYS A 52 7.12 -1.65 -6.59
CA LYS A 52 6.36 -0.54 -7.18
C LYS A 52 5.29 -1.08 -8.15
N TYR A 53 4.06 -1.18 -7.70
CA TYR A 53 2.96 -1.68 -8.51
C TYR A 53 2.43 -0.57 -9.40
N LYS A 54 1.77 -0.85 -10.48
CA LYS A 54 1.02 0.09 -11.29
C LYS A 54 -0.15 0.49 -10.40
N ASP A 55 -0.71 1.66 -10.68
CA ASP A 55 -1.76 2.25 -9.86
C ASP A 55 -3.03 1.53 -9.77
N SER A 56 -3.59 0.82 -10.75
CA SER A 56 -4.86 0.15 -10.60
C SER A 56 -4.95 -0.95 -9.56
N ILE A 57 -3.92 -1.81 -9.55
CA ILE A 57 -3.87 -2.90 -8.60
C ILE A 57 -3.76 -2.27 -7.20
N VAL A 58 -3.05 -1.14 -7.08
CA VAL A 58 -3.06 -0.51 -5.71
C VAL A 58 -4.43 0.01 -5.29
N ALA A 59 -5.21 0.66 -6.19
CA ALA A 59 -6.55 1.20 -5.94
C ALA A 59 -7.48 0.04 -5.60
N LEU A 60 -7.22 -1.11 -6.26
CA LEU A 60 -7.98 -2.31 -5.96
C LEU A 60 -7.71 -2.74 -4.53
N GLY A 61 -6.46 -2.69 -4.02
CA GLY A 61 -6.33 -3.07 -2.59
C GLY A 61 -6.80 -1.92 -1.69
N ALA A 62 -6.76 -0.65 -2.19
CA ALA A 62 -7.21 0.44 -1.35
C ALA A 62 -8.70 0.34 -1.11
N SER A 63 -9.49 -0.32 -1.94
CA SER A 63 -10.90 -0.51 -1.66
C SER A 63 -11.19 -1.74 -0.78
N GLY A 64 -10.24 -2.44 -0.16
CA GLY A 64 -10.66 -3.55 0.70
C GLY A 64 -10.34 -4.93 0.15
N PHE A 65 -10.12 -5.09 -1.14
CA PHE A 65 -9.86 -6.35 -1.79
C PHE A 65 -8.56 -7.04 -1.34
N ALA A 66 -8.76 -8.31 -0.93
CA ALA A 66 -7.75 -9.26 -0.63
C ALA A 66 -7.96 -10.47 -1.58
N TRP A 67 -6.84 -11.00 -2.12
CA TRP A 67 -6.96 -12.13 -2.98
C TRP A 67 -7.47 -13.40 -2.32
N THR A 68 -8.20 -14.19 -3.13
CA THR A 68 -8.70 -15.50 -2.75
C THR A 68 -8.22 -16.40 -3.88
N GLU A 69 -8.26 -17.71 -3.78
CA GLU A 69 -7.87 -18.63 -4.83
C GLU A 69 -8.68 -18.43 -6.11
N GLU A 70 -9.99 -18.25 -5.94
CA GLU A 70 -10.92 -18.04 -7.04
C GLU A 70 -10.60 -16.74 -7.72
N ASP A 71 -10.35 -15.62 -7.03
CA ASP A 71 -9.90 -14.42 -7.71
C ASP A 71 -8.50 -14.61 -8.31
N ILE A 72 -7.57 -15.35 -7.74
CA ILE A 72 -6.28 -15.51 -8.42
C ILE A 72 -6.46 -16.22 -9.74
N ALA A 73 -7.21 -17.35 -9.70
CA ALA A 73 -7.56 -18.13 -10.89
C ALA A 73 -8.16 -17.29 -12.00
N THR A 74 -9.03 -16.32 -11.70
CA THR A 74 -9.59 -15.50 -12.79
C THR A 74 -8.63 -14.41 -13.22
N TYR A 75 -7.91 -13.81 -12.24
CA TYR A 75 -7.02 -12.68 -12.61
C TYR A 75 -5.92 -13.12 -13.56
N VAL A 76 -5.34 -14.26 -13.37
CA VAL A 76 -4.20 -14.88 -14.08
C VAL A 76 -4.60 -15.26 -15.49
N LYS A 77 -5.86 -15.53 -15.83
CA LYS A 77 -6.35 -15.77 -17.18
C LYS A 77 -6.33 -14.46 -17.95
N ASP A 78 -6.59 -13.34 -17.28
CA ASP A 78 -6.51 -12.08 -18.06
C ASP A 78 -6.48 -10.94 -17.08
N PRO A 79 -5.30 -10.58 -16.63
CA PRO A 79 -5.10 -9.61 -15.57
C PRO A 79 -5.68 -8.28 -15.89
N GLY A 80 -5.52 -7.72 -17.08
CA GLY A 80 -6.09 -6.41 -17.44
C GLY A 80 -7.60 -6.53 -17.50
N ALA A 81 -8.19 -7.64 -17.92
CA ALA A 81 -9.69 -7.60 -17.94
C ALA A 81 -10.21 -7.64 -16.51
N PHE A 82 -9.53 -8.41 -15.64
CA PHE A 82 -9.93 -8.52 -14.26
C PHE A 82 -9.98 -7.14 -13.63
N LEU A 83 -8.87 -6.41 -13.83
CA LEU A 83 -8.76 -5.11 -13.18
C LEU A 83 -9.86 -4.18 -13.68
N LYS A 84 -10.08 -4.11 -15.01
CA LYS A 84 -11.15 -3.24 -15.54
C LYS A 84 -12.52 -3.53 -14.90
N GLU A 85 -12.94 -4.77 -14.84
CA GLU A 85 -14.16 -5.18 -14.17
C GLU A 85 -14.27 -4.88 -12.68
N LYS A 86 -13.31 -5.23 -11.80
CA LYS A 86 -13.42 -4.93 -10.38
C LYS A 86 -13.42 -3.44 -10.06
N LEU A 87 -12.59 -2.70 -10.81
CA LEU A 87 -12.54 -1.28 -10.51
C LEU A 87 -13.69 -0.60 -11.23
N ASP A 88 -14.32 -1.23 -12.23
CA ASP A 88 -15.34 -0.60 -13.03
C ASP A 88 -14.66 0.57 -13.76
N ASP A 89 -13.50 0.27 -14.34
CA ASP A 89 -12.75 1.28 -15.07
C ASP A 89 -12.07 0.72 -16.31
N LYS A 90 -12.50 1.28 -17.45
CA LYS A 90 -12.00 0.88 -18.76
C LYS A 90 -10.51 1.19 -18.89
N LYS A 91 -9.99 2.20 -18.20
CA LYS A 91 -8.58 2.55 -18.33
C LYS A 91 -7.70 1.77 -17.34
N ALA A 92 -8.23 0.87 -16.50
CA ALA A 92 -7.38 0.11 -15.58
C ALA A 92 -6.30 -0.55 -16.44
N LYS A 93 -5.07 -0.47 -15.94
CA LYS A 93 -3.94 -1.11 -16.63
C LYS A 93 -3.18 -2.04 -15.65
N THR A 94 -2.49 -3.04 -16.18
CA THR A 94 -1.68 -3.97 -15.45
C THR A 94 -0.27 -4.10 -16.01
N GLU A 95 0.72 -4.35 -15.15
CA GLU A 95 2.10 -4.53 -15.57
C GLU A 95 2.35 -6.02 -15.83
N MET A 96 1.45 -6.85 -15.36
CA MET A 96 1.71 -8.31 -15.48
C MET A 96 1.29 -8.64 -16.93
N ALA A 97 2.21 -8.71 -17.87
CA ALA A 97 1.80 -9.01 -19.26
C ALA A 97 2.09 -10.49 -19.57
N PHE A 98 1.13 -11.30 -19.17
CA PHE A 98 1.16 -12.72 -19.35
C PHE A 98 -0.26 -13.15 -18.93
N LYS A 99 -0.83 -13.99 -19.79
CA LYS A 99 -2.17 -14.49 -19.55
C LYS A 99 -2.00 -15.99 -19.55
N LEU A 100 -2.51 -16.67 -18.56
CA LEU A 100 -2.40 -18.11 -18.41
C LEU A 100 -3.64 -18.68 -19.11
N ALA A 101 -3.46 -19.58 -20.04
CA ALA A 101 -4.60 -20.07 -20.85
C ALA A 101 -5.41 -21.07 -20.05
N LYS A 102 -4.69 -21.92 -19.32
CA LYS A 102 -5.44 -22.91 -18.48
C LYS A 102 -4.55 -23.15 -17.26
N GLY A 103 -5.08 -23.67 -16.15
CA GLY A 103 -4.41 -24.02 -14.96
C GLY A 103 -4.53 -23.06 -13.79
N GLY A 104 -5.40 -22.05 -13.88
CA GLY A 104 -5.60 -21.00 -12.91
C GLY A 104 -5.92 -21.46 -11.51
N GLU A 105 -6.87 -22.38 -11.43
CA GLU A 105 -7.39 -22.97 -10.23
C GLU A 105 -6.30 -23.79 -9.55
N ASP A 106 -5.53 -24.51 -10.35
CA ASP A 106 -4.49 -25.37 -9.78
C ASP A 106 -3.34 -24.56 -9.23
N VAL A 107 -2.88 -23.53 -9.94
CA VAL A 107 -1.86 -22.64 -9.45
C VAL A 107 -2.34 -21.93 -8.18
N ALA A 108 -3.59 -21.47 -8.14
CA ALA A 108 -4.23 -20.85 -7.03
C ALA A 108 -4.26 -21.72 -5.77
N ALA A 109 -4.59 -22.99 -5.89
CA ALA A 109 -4.58 -23.97 -4.80
C ALA A 109 -3.13 -24.20 -4.36
N TYR A 110 -2.21 -24.29 -5.35
CA TYR A 110 -0.81 -24.44 -4.99
C TYR A 110 -0.32 -23.22 -4.19
N LEU A 111 -0.69 -21.98 -4.50
CA LEU A 111 -0.23 -20.83 -3.72
C LEU A 111 -0.79 -20.83 -2.31
N ALA A 112 -2.02 -21.30 -2.08
CA ALA A 112 -2.58 -21.40 -0.72
C ALA A 112 -1.90 -22.47 0.11
N SER A 113 -1.42 -23.55 -0.53
CA SER A 113 -0.91 -24.66 0.25
C SER A 113 0.53 -24.46 0.68
N VAL A 114 1.18 -23.47 0.12
CA VAL A 114 2.62 -23.29 0.27
C VAL A 114 3.03 -22.72 1.60
N VAL A 115 2.14 -21.99 2.23
CA VAL A 115 2.38 -21.44 3.56
C VAL A 115 2.07 -22.54 4.57
N LYS A 116 1.18 -23.45 4.27
CA LYS A 116 0.46 -24.36 5.16
C LYS A 116 1.35 -25.42 5.81
N GLY B 1 9.89 19.64 18.95
CA GLY B 1 8.73 20.58 19.06
C GLY B 1 8.05 20.41 20.41
N ASP B 2 6.95 21.13 20.62
CA ASP B 2 6.14 21.08 21.82
C ASP B 2 4.77 20.44 21.53
N ALA B 3 4.49 19.30 22.14
CA ALA B 3 3.24 18.55 22.03
C ALA B 3 1.96 19.25 22.44
N ALA B 4 2.02 20.15 23.45
CA ALA B 4 0.83 20.88 23.90
C ALA B 4 0.39 21.88 22.86
N LYS B 5 1.40 22.56 22.33
CA LYS B 5 1.19 23.56 21.28
C LYS B 5 0.78 22.89 19.98
N GLY B 6 1.39 21.73 19.64
CA GLY B 6 0.95 20.91 18.49
C GLY B 6 -0.44 20.35 18.69
N GLU B 7 -0.80 20.01 19.94
CA GLU B 7 -2.21 19.60 20.13
C GLU B 7 -3.14 20.72 19.69
N LYS B 8 -2.76 21.99 19.98
CA LYS B 8 -3.58 23.12 19.56
C LYS B 8 -3.54 23.22 18.05
N GLU B 9 -2.35 23.07 17.46
CA GLU B 9 -2.22 23.15 16.00
C GLU B 9 -3.08 22.10 15.32
N PHE B 10 -3.24 20.89 15.92
CA PHE B 10 -3.99 19.82 15.29
C PHE B 10 -5.41 20.12 14.94
N ASN B 11 -6.01 21.19 15.53
CA ASN B 11 -7.31 21.68 15.10
C ASN B 11 -7.40 22.11 13.66
N LYS B 12 -6.35 22.51 12.96
CA LYS B 12 -6.55 22.73 11.51
C LYS B 12 -6.55 21.40 10.78
N CYS B 13 -5.77 20.39 11.22
CA CYS B 13 -5.73 19.09 10.52
C CYS B 13 -7.01 18.29 10.72
N LYS B 14 -7.73 18.55 11.84
CA LYS B 14 -8.97 17.79 12.04
C LYS B 14 -10.07 18.12 11.06
N THR B 15 -9.92 19.13 10.22
CA THR B 15 -10.80 19.40 9.11
C THR B 15 -10.82 18.16 8.22
N CYS B 16 -9.66 17.50 8.00
CA CYS B 16 -9.69 16.29 7.18
C CYS B 16 -9.27 14.96 7.85
N HIS B 17 -8.47 15.02 8.90
CA HIS B 17 -7.97 13.89 9.59
C HIS B 17 -8.52 13.66 11.03
N SER B 18 -8.52 12.37 11.35
CA SER B 18 -8.86 11.90 12.69
C SER B 18 -7.62 11.21 13.31
N ILE B 19 -7.72 10.93 14.62
CA ILE B 19 -6.65 10.21 15.30
C ILE B 19 -7.39 9.10 16.08
N ILE B 20 -7.43 7.92 15.53
CA ILE B 20 -8.20 6.83 16.14
C ILE B 20 -7.35 5.59 16.39
N ALA B 21 -7.30 5.18 17.65
CA ALA B 21 -6.52 4.05 18.10
C ALA B 21 -7.07 2.76 17.55
N PRO B 22 -6.23 1.75 17.42
CA PRO B 22 -6.60 0.47 16.84
C PRO B 22 -7.82 -0.10 17.51
N ASP B 23 -8.06 0.05 18.79
CA ASP B 23 -9.27 -0.51 19.41
C ASP B 23 -10.52 0.34 19.13
N GLY B 24 -10.45 1.48 18.45
CA GLY B 24 -11.65 2.26 18.16
C GLY B 24 -11.70 3.52 18.98
N THR B 25 -10.88 3.67 20.01
CA THR B 25 -10.88 4.86 20.84
C THR B 25 -10.46 6.08 19.99
N GLU B 26 -11.25 7.10 20.06
CA GLU B 26 -11.19 8.35 19.33
C GLU B 26 -10.45 9.44 20.08
N ILE B 27 -9.17 9.54 19.79
CA ILE B 27 -8.36 10.55 20.47
C ILE B 27 -8.77 11.91 19.94
N VAL B 28 -8.96 12.03 18.63
CA VAL B 28 -9.38 13.26 18.00
C VAL B 28 -10.40 12.85 16.93
N LYS B 29 -11.65 13.26 17.14
CA LYS B 29 -12.68 12.94 16.16
C LYS B 29 -12.60 14.01 15.06
N GLY B 30 -12.38 13.72 13.80
CA GLY B 30 -12.20 14.68 12.76
C GLY B 30 -12.99 14.11 11.57
N ALA B 31 -12.48 14.41 10.38
CA ALA B 31 -13.09 13.89 9.15
C ALA B 31 -12.27 12.71 8.65
N LYS B 32 -12.68 12.22 7.50
CA LYS B 32 -12.17 11.02 6.89
C LYS B 32 -11.62 11.29 5.51
N THR B 33 -11.36 12.54 5.21
CA THR B 33 -10.93 12.85 3.83
C THR B 33 -9.45 12.54 3.74
N GLY B 34 -8.69 12.77 4.80
CA GLY B 34 -7.29 12.31 4.85
C GLY B 34 -7.29 10.99 5.69
N PRO B 35 -6.18 10.26 5.70
CA PRO B 35 -6.06 9.07 6.52
C PRO B 35 -5.88 9.31 7.98
N ASN B 36 -6.33 8.39 8.81
CA ASN B 36 -6.10 8.35 10.24
C ASN B 36 -4.63 8.57 10.50
N LEU B 37 -4.26 9.43 11.40
CA LEU B 37 -2.89 9.75 11.69
C LEU B 37 -2.41 9.10 12.98
N TYR B 38 -3.22 8.40 13.74
CA TYR B 38 -2.70 7.66 14.90
C TYR B 38 -1.58 6.76 14.40
N GLY B 39 -0.39 6.77 15.01
CA GLY B 39 0.63 5.82 14.53
C GLY B 39 1.38 6.30 13.30
N VAL B 40 1.12 7.52 12.78
CA VAL B 40 1.76 7.94 11.56
C VAL B 40 3.26 8.08 11.82
N VAL B 41 3.80 8.51 12.93
CA VAL B 41 5.25 8.57 13.09
C VAL B 41 5.85 7.16 13.07
N GLY B 42 6.66 6.84 12.03
CA GLY B 42 7.27 5.50 11.96
C GLY B 42 6.50 4.74 10.89
N ARG B 43 5.31 5.18 10.41
CA ARG B 43 4.60 4.32 9.46
C ARG B 43 5.14 4.54 8.03
N THR B 44 5.18 3.48 7.24
CA THR B 44 5.65 3.64 5.84
C THR B 44 4.66 4.56 5.11
N ALA B 45 5.13 5.54 4.32
CA ALA B 45 4.17 6.45 3.70
C ALA B 45 3.13 5.87 2.80
N GLY B 46 1.84 6.27 2.78
CA GLY B 46 0.97 5.69 1.67
C GLY B 46 0.53 4.25 1.83
N THR B 47 0.43 3.71 3.09
CA THR B 47 -0.05 2.35 3.29
C THR B 47 -1.18 2.23 4.30
N TYR B 48 -1.82 3.25 4.86
CA TYR B 48 -2.87 3.04 5.82
C TYR B 48 -3.96 2.24 5.11
N PRO B 49 -4.55 1.22 5.66
CA PRO B 49 -5.51 0.38 5.02
C PRO B 49 -6.79 1.13 4.63
N GLU B 50 -7.37 0.75 3.50
CA GLU B 50 -8.64 1.18 2.94
C GLU B 50 -8.62 2.68 2.67
N PHE B 51 -7.49 3.38 2.56
CA PHE B 51 -7.52 4.77 2.13
C PHE B 51 -6.94 4.80 0.71
N LYS B 52 -7.53 5.47 -0.27
CA LYS B 52 -7.00 5.54 -1.61
C LYS B 52 -6.11 6.78 -1.76
N TYR B 53 -4.78 6.67 -1.72
CA TYR B 53 -3.86 7.78 -1.84
C TYR B 53 -3.58 8.08 -3.32
N LYS B 54 -2.93 9.23 -3.60
CA LYS B 54 -2.49 9.57 -4.96
C LYS B 54 -1.22 8.76 -5.22
N ASP B 55 -0.76 8.55 -6.42
CA ASP B 55 0.40 7.74 -6.72
C ASP B 55 1.73 8.27 -6.29
N SER B 56 1.90 9.55 -5.95
CA SER B 56 3.24 9.94 -5.52
C SER B 56 3.58 9.48 -4.10
N ILE B 57 2.61 9.48 -3.19
CA ILE B 57 2.84 9.13 -1.81
C ILE B 57 2.89 7.58 -1.71
N VAL B 58 2.19 6.89 -2.62
CA VAL B 58 2.30 5.46 -2.70
C VAL B 58 3.70 5.03 -3.17
N ALA B 59 4.30 5.74 -4.15
CA ALA B 59 5.62 5.41 -4.66
C ALA B 59 6.64 5.78 -3.61
N LEU B 60 6.39 6.81 -2.78
CA LEU B 60 7.36 7.09 -1.74
C LEU B 60 7.43 5.96 -0.70
N GLY B 61 6.28 5.38 -0.32
CA GLY B 61 6.29 4.29 0.63
C GLY B 61 6.87 3.04 -0.01
N ALA B 62 6.71 2.91 -1.33
CA ALA B 62 7.21 1.74 -2.07
C ALA B 62 8.72 1.65 -2.01
N SER B 63 9.42 2.79 -1.93
CA SER B 63 10.84 2.90 -1.78
C SER B 63 11.27 2.58 -0.34
N GLY B 64 10.38 2.33 0.63
CA GLY B 64 10.78 2.00 2.00
C GLY B 64 10.68 3.22 2.88
N PHE B 65 10.23 4.36 2.39
CA PHE B 65 10.20 5.53 3.28
C PHE B 65 9.12 5.46 4.35
N ALA B 66 9.55 5.77 5.58
CA ALA B 66 8.73 5.87 6.74
C ALA B 66 8.69 7.28 7.34
N TRP B 67 7.52 7.80 7.81
CA TRP B 67 7.55 9.12 8.44
C TRP B 67 8.39 9.21 9.70
N THR B 68 9.11 10.31 9.86
CA THR B 68 9.77 10.68 11.10
C THR B 68 9.17 12.04 11.48
N GLU B 69 9.31 12.51 12.70
CA GLU B 69 8.87 13.81 13.15
C GLU B 69 9.38 14.90 12.24
N GLU B 70 10.69 14.85 12.03
CA GLU B 70 11.32 15.87 11.15
C GLU B 70 10.76 15.85 9.76
N ASP B 71 10.49 14.65 9.21
CA ASP B 71 9.87 14.60 7.90
C ASP B 71 8.42 15.12 7.94
N ILE B 72 7.70 14.93 9.03
CA ILE B 72 6.32 15.41 9.07
C ILE B 72 6.33 16.95 9.07
N ALA B 73 7.20 17.47 9.97
CA ALA B 73 7.26 18.95 10.02
C ALA B 73 7.59 19.57 8.68
N THR B 74 8.43 19.02 7.82
CA THR B 74 8.77 19.62 6.52
C THR B 74 7.69 19.49 5.49
N TYR B 75 7.12 18.27 5.40
CA TYR B 75 5.99 18.03 4.50
C TYR B 75 4.76 18.91 4.72
N VAL B 76 4.35 19.20 5.95
CA VAL B 76 3.18 20.02 6.20
C VAL B 76 3.41 21.48 5.75
N LYS B 77 4.64 21.97 5.70
CA LYS B 77 4.97 23.31 5.19
C LYS B 77 4.59 23.38 3.72
N ASP B 78 4.73 22.24 2.99
CA ASP B 78 4.38 22.23 1.58
C ASP B 78 4.44 20.82 1.01
N PRO B 79 3.34 20.07 1.15
CA PRO B 79 3.28 18.70 0.77
C PRO B 79 3.82 18.44 -0.62
N GLY B 80 3.39 19.10 -1.68
CA GLY B 80 3.86 18.90 -3.03
C GLY B 80 5.33 19.10 -3.34
N ALA B 81 5.99 20.05 -2.69
CA ALA B 81 7.43 20.25 -2.75
C ALA B 81 8.21 19.08 -2.15
N PHE B 82 7.75 18.65 -0.97
CA PHE B 82 8.40 17.50 -0.31
C PHE B 82 8.34 16.29 -1.24
N LEU B 83 7.20 15.98 -1.88
CA LEU B 83 7.20 14.77 -2.69
C LEU B 83 8.18 14.85 -3.87
N LYS B 84 8.18 16.02 -4.52
CA LYS B 84 9.01 16.36 -5.67
C LYS B 84 10.49 16.23 -5.30
N GLU B 85 10.87 16.77 -4.15
CA GLU B 85 12.26 16.55 -3.73
C GLU B 85 12.50 15.08 -3.42
N LYS B 86 11.66 14.42 -2.61
CA LYS B 86 11.95 13.03 -2.24
C LYS B 86 11.86 12.08 -3.43
N LEU B 87 10.92 12.29 -4.36
CA LEU B 87 10.84 11.32 -5.43
C LEU B 87 11.86 11.67 -6.51
N ASP B 88 12.44 12.89 -6.41
CA ASP B 88 13.29 13.35 -7.51
C ASP B 88 12.40 13.31 -8.78
N ASP B 89 11.21 13.91 -8.66
CA ASP B 89 10.25 13.92 -9.73
C ASP B 89 9.40 15.19 -9.74
N LYS B 90 9.71 16.13 -10.62
CA LYS B 90 9.03 17.39 -10.79
C LYS B 90 7.56 17.25 -11.12
N LYS B 91 7.01 16.11 -11.43
CA LYS B 91 5.55 15.96 -11.64
C LYS B 91 4.91 15.25 -10.46
N ALA B 92 5.61 15.15 -9.32
CA ALA B 92 5.04 14.51 -8.11
C ALA B 92 3.84 15.32 -7.66
N LYS B 93 2.71 14.75 -7.31
CA LYS B 93 1.59 15.59 -6.85
C LYS B 93 0.97 14.94 -5.61
N THR B 94 0.38 15.80 -4.83
CA THR B 94 -0.27 15.55 -3.57
C THR B 94 -1.76 15.85 -3.57
N GLU B 95 -2.54 15.16 -2.75
CA GLU B 95 -3.97 15.44 -2.62
C GLU B 95 -4.26 16.31 -1.39
N MET B 96 -3.28 16.38 -0.49
CA MET B 96 -3.45 17.19 0.70
C MET B 96 -3.36 18.66 0.23
N ALA B 97 -4.48 19.37 0.10
CA ALA B 97 -4.55 20.79 -0.26
C ALA B 97 -4.47 21.73 0.97
N PHE B 98 -3.36 21.66 1.67
CA PHE B 98 -3.24 22.40 2.92
C PHE B 98 -1.76 22.57 3.22
N LYS B 99 -1.37 23.74 3.63
CA LYS B 99 0.07 23.99 3.88
C LYS B 99 0.21 24.49 5.31
N LEU B 100 1.16 24.15 6.16
CA LEU B 100 1.10 24.69 7.48
C LEU B 100 2.31 25.60 7.60
N ALA B 101 2.31 26.91 7.38
CA ALA B 101 3.48 27.76 7.39
C ALA B 101 4.28 27.75 8.70
N LYS B 102 3.64 27.76 9.84
CA LYS B 102 4.29 27.76 11.13
C LYS B 102 3.68 26.69 12.05
N GLY B 103 4.46 26.08 12.93
CA GLY B 103 3.90 25.08 13.84
C GLY B 103 4.21 23.64 13.39
N GLY B 104 4.82 23.47 12.21
CA GLY B 104 5.17 22.14 11.75
C GLY B 104 5.77 21.21 12.81
N GLU B 105 6.88 21.61 13.45
CA GLU B 105 7.55 20.80 14.44
C GLU B 105 6.72 20.51 15.68
N ASP B 106 5.80 21.40 16.02
CA ASP B 106 4.93 21.22 17.17
C ASP B 106 3.86 20.14 16.92
N VAL B 107 3.30 20.15 15.72
CA VAL B 107 2.23 19.22 15.36
C VAL B 107 2.86 17.81 15.23
N ALA B 108 4.10 17.79 14.75
CA ALA B 108 4.89 16.57 14.58
C ALA B 108 5.22 15.98 15.95
N ALA B 109 5.57 16.88 16.89
CA ALA B 109 5.82 16.26 18.24
C ALA B 109 4.52 15.73 18.83
N TYR B 110 3.37 16.39 18.64
CA TYR B 110 2.13 15.88 19.21
C TYR B 110 1.70 14.54 18.62
N LEU B 111 1.97 14.29 17.34
CA LEU B 111 1.62 13.06 16.65
C LEU B 111 2.48 11.89 17.14
N ALA B 112 3.70 12.15 17.57
CA ALA B 112 4.56 11.20 18.25
C ALA B 112 4.14 10.98 19.67
N SER B 113 3.61 12.04 20.32
CA SER B 113 3.22 11.82 21.73
C SER B 113 1.95 11.02 21.90
N VAL B 114 1.01 11.07 20.95
CA VAL B 114 -0.30 10.48 21.24
C VAL B 114 -0.39 8.98 21.38
N VAL B 115 0.49 8.23 20.73
CA VAL B 115 0.53 6.77 20.76
C VAL B 115 1.17 6.32 22.05
N LYS B 116 1.89 7.19 22.76
CA LYS B 116 2.45 6.86 24.06
C LYS B 116 1.36 7.02 25.13
#